data_6M93
#
_entry.id   6M93
#
_cell.length_a   82.530
_cell.length_b   82.530
_cell.length_c   111.260
_cell.angle_alpha   90.000
_cell.angle_beta   90.000
_cell.angle_gamma   120.000
#
_symmetry.space_group_name_H-M   'P 31'
#
loop_
_entity.id
_entity.type
_entity.pdbx_description
1 polymer 'F-box/WD repeat-containing protein 1A'
2 polymer 'S-phase kinase-associated protein 1'
3 polymer 'Catenin beta-1'
4 non-polymer 2-oxo-N-[3-(1H-tetrazol-5-yl)phenyl]-6-(trifluoromethyl)-1,2-dihydropyridine-3-carboxamide
5 non-polymer 'PHOSPHATE ION'
6 water water
#
loop_
_entity_poly.entity_id
_entity_poly.type
_entity_poly.pdbx_seq_one_letter_code
_entity_poly.pdbx_strand_id
1 'polypeptide(L)'
;SMLQRDFITALPARGLDHIAENILSYLDAKSLCAAELVCKEWYRVTSDGMLWKKLIERMVRTDSLWRGLAERRGWGQYLF
KNKPPDGNAPPNSFYRALYPKIIQDIETIESNWRCGRHSLQRIHCRSETSKGVYCLQYDDQKIVSGLRDNTIKIWDKNTL
ECKRILTGHTGSVLCLQYDERVIITGSSDSTVRVWDVNTGEMLNTLIHHCEAVLHLRFNNGMMVTCSKDRSIAVWDMASP
TDITLRRVLVGHRAAVNVVDFDDKYIVSASGDRTIKVWNTSTCEFVRTLNGHKRGIACLQYRDRLVVSGSSDNTIRLWDI
ECGACLRVLEGHEELVRCIRFDNKRIVSGAYDGKIKVWDLVAALDPRAPAGTLCLRTLVEHSGRVFRLQFDEFQIVSSSH
DDTILIWDFLNDPAAQAEPPRSPSRTYTYISR
;
A
2 'polypeptide(L)'
;PSIKLQSSDGEIFEVDVEIAKQSVTIKTMLEDLGMDPVPLPNVNAAILKKVIQWCTHHKDDPPDDIPVWDQEFLKVDQGT
LFELILAANYLDIKGLLDVTCKTVANMIKGKTPEEIRKTFNIKNDFTEEEEAQVRKENQWCEEK
;
B
3 'polypeptide(L)' CDRKAAVSHWQQQSYLD(SEP)GIHSGATTTAPSLSG C
#
# COMPACT_ATOMS: atom_id res chain seq x y z
N SER A 1 27.69 -20.26 -29.97
CA SER A 1 26.80 -20.08 -28.83
C SER A 1 26.66 -21.37 -28.03
N MET A 2 26.92 -21.29 -26.73
CA MET A 2 26.73 -22.44 -25.85
C MET A 2 25.25 -22.73 -25.62
N LEU A 3 24.93 -24.01 -25.51
CA LEU A 3 23.54 -24.41 -25.29
C LEU A 3 23.07 -24.02 -23.90
N GLN A 4 23.85 -24.36 -22.88
CA GLN A 4 23.51 -24.07 -21.50
C GLN A 4 24.67 -23.32 -20.85
N ARG A 5 24.35 -22.62 -19.76
CA ARG A 5 25.29 -21.73 -19.11
C ARG A 5 24.87 -21.54 -17.66
N ASP A 6 25.79 -21.77 -16.74
CA ASP A 6 25.58 -21.54 -15.31
C ASP A 6 25.74 -20.05 -15.03
N PHE A 7 24.63 -19.31 -15.16
CA PHE A 7 24.67 -17.87 -14.92
C PHE A 7 25.26 -17.53 -13.56
N ILE A 8 24.85 -18.25 -12.52
CA ILE A 8 25.22 -17.85 -11.17
C ILE A 8 26.70 -18.15 -10.89
N THR A 9 27.27 -19.18 -11.54
CA THR A 9 28.71 -19.39 -11.46
C THR A 9 29.49 -18.48 -12.41
N ALA A 10 28.99 -18.32 -13.65
CA ALA A 10 29.77 -17.64 -14.68
C ALA A 10 29.96 -16.15 -14.39
N LEU A 11 28.90 -15.49 -13.92
CA LEU A 11 28.97 -14.04 -13.69
C LEU A 11 29.99 -13.67 -12.62
N PRO A 12 30.00 -14.27 -11.43
CA PRO A 12 31.06 -13.94 -10.48
C PRO A 12 32.43 -14.29 -11.02
N ALA A 13 32.52 -15.32 -11.86
CA ALA A 13 33.82 -15.76 -12.35
C ALA A 13 34.49 -14.63 -13.14
N ARG A 14 33.62 -13.82 -13.73
CA ARG A 14 33.94 -12.69 -14.57
C ARG A 14 33.98 -11.38 -13.81
N GLY A 15 34.01 -11.41 -12.50
CA GLY A 15 33.99 -10.19 -11.73
C GLY A 15 32.69 -9.43 -11.77
N LEU A 16 31.59 -10.10 -12.09
CA LEU A 16 30.27 -9.48 -12.10
C LEU A 16 29.34 -10.06 -11.04
N ASP A 17 29.85 -10.20 -9.82
CA ASP A 17 29.09 -10.79 -8.71
C ASP A 17 27.73 -10.13 -8.50
N HIS A 18 27.65 -8.80 -8.59
CA HIS A 18 26.42 -8.10 -8.27
C HIS A 18 25.27 -8.48 -9.20
N ILE A 19 25.57 -8.76 -10.47
CA ILE A 19 24.55 -9.22 -11.41
C ILE A 19 23.96 -10.56 -10.97
N ALA A 20 24.83 -11.50 -10.57
CA ALA A 20 24.35 -12.78 -10.07
C ALA A 20 23.48 -12.61 -8.82
N GLU A 21 23.89 -11.75 -7.90
CA GLU A 21 23.07 -11.48 -6.72
C GLU A 21 21.73 -10.89 -7.11
N ASN A 22 21.71 -10.00 -8.12
CA ASN A 22 20.46 -9.37 -8.52
C ASN A 22 19.50 -10.39 -9.12
N ILE A 23 20.00 -11.31 -9.96
CA ILE A 23 19.16 -12.39 -10.45
C ILE A 23 18.49 -13.14 -9.30
N LEU A 24 19.29 -13.57 -8.33
CA LEU A 24 18.76 -14.36 -7.22
C LEU A 24 17.84 -13.55 -6.30
N SER A 25 18.00 -12.23 -6.25
CA SER A 25 17.15 -11.42 -5.38
C SER A 25 15.68 -11.45 -5.78
N TYR A 26 15.36 -11.90 -7.00
CA TYR A 26 13.97 -11.95 -7.43
C TYR A 26 13.25 -13.19 -6.94
N LEU A 27 13.96 -14.18 -6.44
CA LEU A 27 13.36 -15.41 -5.95
C LEU A 27 12.53 -15.17 -4.70
N ASP A 28 11.39 -15.86 -4.63
CA ASP A 28 10.68 -16.04 -3.37
C ASP A 28 11.50 -16.92 -2.42
N ALA A 29 11.08 -16.93 -1.15
CA ALA A 29 11.82 -17.63 -0.11
C ALA A 29 12.12 -19.07 -0.49
N LYS A 30 11.09 -19.80 -0.94
CA LYS A 30 11.27 -21.24 -1.17
C LYS A 30 12.23 -21.48 -2.32
N SER A 31 12.19 -20.61 -3.33
CA SER A 31 13.12 -20.72 -4.45
C SER A 31 14.53 -20.31 -4.06
N LEU A 32 14.67 -19.40 -3.09
CA LEU A 32 15.99 -19.05 -2.60
C LEU A 32 16.62 -20.19 -1.82
N CYS A 33 15.81 -20.92 -1.04
CA CYS A 33 16.27 -22.16 -0.42
C CYS A 33 16.69 -23.19 -1.47
N ALA A 34 15.89 -23.35 -2.52
CA ALA A 34 16.26 -24.28 -3.59
C ALA A 34 17.61 -23.88 -4.19
N ALA A 35 17.78 -22.59 -4.48
CA ALA A 35 19.02 -22.12 -5.08
C ALA A 35 20.21 -22.45 -4.18
N GLU A 36 20.03 -22.32 -2.86
CA GLU A 36 21.08 -22.66 -1.91
C GLU A 36 21.61 -24.07 -2.11
N LEU A 37 20.75 -25.01 -2.49
CA LEU A 37 21.08 -26.42 -2.61
C LEU A 37 21.45 -26.84 -4.03
N VAL A 38 21.61 -25.87 -4.93
CA VAL A 38 21.94 -26.23 -6.32
C VAL A 38 23.37 -26.73 -6.41
N CYS A 39 24.30 -26.07 -5.73
CA CYS A 39 25.72 -26.43 -5.75
C CYS A 39 26.47 -25.45 -4.85
N LYS A 40 27.73 -25.80 -4.53
CA LYS A 40 28.51 -25.07 -3.55
C LYS A 40 28.64 -23.60 -3.93
N GLU A 41 28.87 -23.31 -5.22
CA GLU A 41 29.06 -21.92 -5.62
C GLU A 41 27.76 -21.14 -5.52
N TRP A 42 26.63 -21.76 -5.88
CA TRP A 42 25.34 -21.09 -5.69
C TRP A 42 25.13 -20.75 -4.21
N TYR A 43 25.43 -21.69 -3.31
CA TYR A 43 25.31 -21.41 -1.89
C TYR A 43 26.19 -20.23 -1.50
N ARG A 44 27.44 -20.23 -1.96
CA ARG A 44 28.36 -19.15 -1.60
C ARG A 44 27.84 -17.81 -2.09
N VAL A 45 27.24 -17.78 -3.29
CA VAL A 45 26.74 -16.53 -3.83
C VAL A 45 25.60 -16.01 -2.96
N THR A 46 24.70 -16.91 -2.52
CA THR A 46 23.59 -16.47 -1.69
C THR A 46 24.08 -16.03 -0.33
N SER A 47 25.12 -16.67 0.20
CA SER A 47 25.60 -16.37 1.55
C SER A 47 26.44 -15.08 1.57
N ASP A 48 27.50 -15.04 0.76
CA ASP A 48 28.28 -13.81 0.60
C ASP A 48 27.45 -12.64 0.08
N GLY A 49 26.37 -12.91 -0.64
CA GLY A 49 25.56 -11.81 -1.11
C GLY A 49 24.54 -11.29 -0.13
N MET A 50 24.42 -11.92 1.03
CA MET A 50 23.47 -11.52 2.07
C MET A 50 22.06 -11.50 1.51
N LEU A 51 21.70 -12.56 0.78
CA LEU A 51 20.44 -12.55 0.06
C LEU A 51 19.25 -12.66 1.01
N TRP A 52 19.41 -13.33 2.15
CA TRP A 52 18.31 -13.42 3.10
C TRP A 52 18.05 -12.07 3.76
N LYS A 53 19.13 -11.34 4.09
CA LYS A 53 18.99 -9.96 4.53
C LYS A 53 18.32 -9.14 3.44
N LYS A 54 18.76 -9.30 2.19
CA LYS A 54 18.18 -8.56 1.08
C LYS A 54 16.72 -8.93 0.88
N LEU A 55 16.37 -10.20 1.12
CA LEU A 55 14.98 -10.63 0.93
C LEU A 55 14.06 -10.04 2.00
N ILE A 56 14.51 -10.05 3.26
CA ILE A 56 13.72 -9.44 4.32
C ILE A 56 13.54 -7.95 4.10
N GLU A 57 14.61 -7.29 3.62
CA GLU A 57 14.51 -5.86 3.36
C GLU A 57 13.52 -5.56 2.24
N ARG A 58 13.48 -6.40 1.20
CA ARG A 58 12.52 -6.19 0.13
C ARG A 58 11.09 -6.34 0.65
N MET A 59 10.86 -7.28 1.56
CA MET A 59 9.53 -7.42 2.15
C MET A 59 9.18 -6.19 2.98
N VAL A 60 10.11 -5.73 3.82
CA VAL A 60 9.86 -4.56 4.65
C VAL A 60 9.56 -3.36 3.78
N ARG A 61 10.26 -3.27 2.64
CA ARG A 61 10.05 -2.16 1.71
C ARG A 61 8.70 -2.23 1.01
N THR A 62 8.13 -3.43 0.84
CA THR A 62 6.94 -3.62 0.01
C THR A 62 5.69 -4.06 0.74
N ASP A 63 5.75 -4.29 2.05
CA ASP A 63 4.62 -4.83 2.81
C ASP A 63 4.58 -4.18 4.18
N SER A 64 3.53 -3.40 4.45
CA SER A 64 3.48 -2.70 5.73
C SER A 64 3.43 -3.67 6.90
N LEU A 65 2.92 -4.88 6.70
CA LEU A 65 2.96 -5.90 7.76
C LEU A 65 4.39 -6.23 8.14
N TRP A 66 5.23 -6.53 7.14
CA TRP A 66 6.65 -6.77 7.41
C TRP A 66 7.29 -5.53 8.00
N ARG A 67 6.96 -4.35 7.47
CA ARG A 67 7.45 -3.11 8.05
C ARG A 67 7.02 -2.98 9.51
N GLY A 68 5.73 -3.23 9.81
CA GLY A 68 5.25 -3.11 11.18
C GLY A 68 5.95 -4.04 12.17
N LEU A 69 6.21 -5.29 11.76
CA LEU A 69 6.86 -6.23 12.68
C LEU A 69 8.32 -5.89 12.85
N ALA A 70 9.00 -5.50 11.76
CA ALA A 70 10.37 -5.08 11.89
C ALA A 70 10.49 -4.01 12.96
N GLU A 71 9.54 -3.08 13.01
CA GLU A 71 9.59 -2.04 14.03
C GLU A 71 9.12 -2.59 15.37
N ARG A 72 8.00 -3.32 15.38
CA ARG A 72 7.42 -3.75 16.65
C ARG A 72 8.23 -4.84 17.35
N ARG A 73 8.85 -5.75 16.59
CA ARG A 73 9.64 -6.82 17.21
C ARG A 73 11.09 -6.43 17.40
N GLY A 74 11.59 -5.41 16.71
CA GLY A 74 12.95 -4.98 16.88
C GLY A 74 13.98 -5.62 15.99
N TRP A 75 13.65 -6.68 15.24
CA TRP A 75 14.66 -7.17 14.31
C TRP A 75 14.91 -6.17 13.18
N GLY A 76 13.99 -5.22 12.98
CA GLY A 76 14.22 -4.13 12.05
C GLY A 76 15.47 -3.32 12.34
N GLN A 77 15.92 -3.34 13.60
CA GLN A 77 17.18 -2.68 13.98
C GLN A 77 18.37 -3.16 13.16
N TYR A 78 18.36 -4.42 12.73
CA TYR A 78 19.50 -4.96 12.00
C TYR A 78 19.46 -4.67 10.51
N LEU A 79 18.40 -4.05 10.02
CA LEU A 79 18.15 -3.86 8.60
C LEU A 79 18.61 -2.49 8.13
N PHE A 80 18.97 -2.41 6.84
CA PHE A 80 19.36 -1.17 6.17
C PHE A 80 20.58 -0.51 6.82
N LYS A 81 21.68 -1.26 6.84
CA LYS A 81 22.95 -0.78 7.38
C LYS A 81 22.81 -0.25 8.81
N PRO A 90 25.84 -8.93 12.29
CA PRO A 90 24.88 -10.02 12.11
C PRO A 90 24.99 -10.67 10.74
N PRO A 91 25.48 -11.91 10.69
CA PRO A 91 25.81 -12.55 9.41
C PRO A 91 24.54 -12.98 8.66
N ASN A 92 24.77 -13.54 7.46
CA ASN A 92 23.66 -13.95 6.61
C ASN A 92 22.79 -15.02 7.27
N SER A 93 23.42 -16.02 7.91
CA SER A 93 22.67 -17.13 8.49
C SER A 93 21.69 -16.64 9.54
N PHE A 94 21.99 -15.51 10.17
CA PHE A 94 21.06 -14.95 11.14
C PHE A 94 19.76 -14.60 10.44
N TYR A 95 19.86 -13.99 9.27
CA TYR A 95 18.65 -13.62 8.53
C TYR A 95 17.93 -14.86 7.99
N ARG A 96 18.68 -15.88 7.57
CA ARG A 96 18.06 -17.12 7.12
C ARG A 96 17.25 -17.77 8.24
N ALA A 97 17.76 -17.80 9.47
CA ALA A 97 17.01 -18.38 10.58
C ALA A 97 15.87 -17.48 11.02
N LEU A 98 15.98 -16.16 10.80
CA LEU A 98 14.92 -15.27 11.21
C LEU A 98 13.70 -15.42 10.30
N TYR A 99 13.91 -15.60 9.00
CA TYR A 99 12.82 -15.58 8.04
C TYR A 99 11.64 -16.49 8.41
N PRO A 100 11.84 -17.77 8.75
CA PRO A 100 10.69 -18.59 9.15
C PRO A 100 10.00 -18.11 10.42
N LYS A 101 10.74 -17.48 11.34
CA LYS A 101 10.08 -16.96 12.55
C LYS A 101 9.11 -15.85 12.17
N ILE A 102 9.47 -15.03 11.19
CA ILE A 102 8.57 -14.00 10.69
C ILE A 102 7.33 -14.61 10.06
N ILE A 103 7.52 -15.64 9.23
CA ILE A 103 6.39 -16.32 8.59
C ILE A 103 5.41 -16.83 9.65
N GLN A 104 5.91 -17.57 10.63
CA GLN A 104 5.03 -18.09 11.68
C GLN A 104 4.35 -16.94 12.40
N ASP A 105 5.08 -15.84 12.62
CA ASP A 105 4.51 -14.67 13.28
C ASP A 105 3.32 -14.12 12.50
N ILE A 106 3.48 -13.96 11.19
CA ILE A 106 2.36 -13.52 10.35
C ILE A 106 1.19 -14.48 10.53
N GLU A 107 1.47 -15.78 10.46
CA GLU A 107 0.43 -16.80 10.58
C GLU A 107 -0.33 -16.65 11.90
N THR A 108 0.39 -16.45 13.01
CA THR A 108 -0.28 -16.29 14.30
C THR A 108 -1.11 -15.02 14.35
N ILE A 109 -0.63 -13.95 13.71
CA ILE A 109 -1.41 -12.71 13.65
C ILE A 109 -2.68 -12.95 12.85
N GLU A 110 -2.54 -13.59 11.68
CA GLU A 110 -3.69 -13.88 10.84
C GLU A 110 -4.69 -14.79 11.54
N SER A 111 -4.18 -15.76 12.31
CA SER A 111 -5.08 -16.61 13.08
C SER A 111 -5.84 -15.81 14.14
N ASN A 112 -5.16 -14.87 14.81
CA ASN A 112 -5.83 -14.09 15.83
C ASN A 112 -6.96 -13.28 15.23
N TRP A 113 -6.75 -12.73 14.04
CA TRP A 113 -7.82 -12.02 13.35
C TRP A 113 -8.98 -12.96 13.04
N ARG A 114 -8.68 -14.10 12.40
CA ARG A 114 -9.72 -15.04 11.97
C ARG A 114 -10.53 -15.56 13.15
N CYS A 115 -9.90 -15.72 14.32
CA CYS A 115 -10.53 -16.30 15.49
C CYS A 115 -10.94 -15.26 16.52
N GLY A 116 -10.69 -13.99 16.26
CA GLY A 116 -11.10 -12.95 17.20
C GLY A 116 -10.30 -12.91 18.48
N ARG A 117 -9.10 -13.47 18.50
CA ARG A 117 -8.26 -13.44 19.70
C ARG A 117 -7.49 -12.14 19.74
N HIS A 118 -7.64 -11.38 20.83
CA HIS A 118 -7.02 -10.08 20.95
C HIS A 118 -6.94 -9.71 22.42
N SER A 119 -6.04 -8.76 22.74
CA SER A 119 -6.13 -8.02 23.98
C SER A 119 -6.81 -6.68 23.73
N LEU A 120 -7.27 -6.07 24.82
CA LEU A 120 -8.09 -4.87 24.72
C LEU A 120 -7.62 -3.84 25.74
N GLN A 121 -7.35 -2.62 25.30
CA GLN A 121 -7.19 -1.48 26.21
C GLN A 121 -8.37 -0.54 26.01
N ARG A 122 -8.86 0.03 27.12
CA ARG A 122 -10.05 0.88 27.13
C ARG A 122 -9.72 2.20 27.77
N ILE A 123 -9.83 3.28 27.00
CA ILE A 123 -9.76 4.64 27.54
C ILE A 123 -11.17 5.14 27.80
N HIS A 124 -11.44 5.53 29.04
CA HIS A 124 -12.66 6.26 29.40
C HIS A 124 -12.39 7.75 29.23
N CYS A 125 -13.06 8.37 28.26
CA CYS A 125 -12.79 9.78 27.99
C CYS A 125 -13.32 10.71 29.09
N ARG A 126 -14.20 10.22 29.97
CA ARG A 126 -14.60 10.98 31.15
C ARG A 126 -15.21 12.32 30.77
N SER A 127 -15.99 12.34 29.69
CA SER A 127 -16.68 13.55 29.28
C SER A 127 -17.64 13.99 30.38
N GLU A 128 -17.53 15.25 30.78
CA GLU A 128 -18.30 15.75 31.90
C GLU A 128 -19.78 15.82 31.57
N THR A 129 -20.14 16.29 30.39
CA THR A 129 -21.55 16.49 30.12
C THR A 129 -22.06 15.64 28.96
N SER A 130 -21.80 16.08 27.74
CA SER A 130 -22.26 15.39 26.55
C SER A 130 -21.28 14.28 26.19
N LYS A 131 -21.69 13.02 26.40
CA LYS A 131 -20.78 11.90 26.22
C LYS A 131 -20.69 11.53 24.74
N GLY A 132 -19.51 11.06 24.34
CA GLY A 132 -19.35 10.36 23.08
C GLY A 132 -18.16 10.88 22.28
N VAL A 133 -17.57 9.98 21.49
CA VAL A 133 -16.39 10.27 20.68
C VAL A 133 -16.79 10.04 19.22
N TYR A 134 -16.94 11.14 18.47
CA TYR A 134 -17.47 11.04 17.11
C TYR A 134 -16.43 10.60 16.09
N CYS A 135 -15.14 10.85 16.34
CA CYS A 135 -14.13 10.69 15.31
C CYS A 135 -12.77 10.53 15.96
N LEU A 136 -11.82 10.02 15.18
CA LEU A 136 -10.50 9.70 15.71
C LEU A 136 -9.55 9.42 14.55
N GLN A 137 -8.27 9.66 14.82
CA GLN A 137 -7.18 9.20 13.97
C GLN A 137 -6.00 8.91 14.88
N TYR A 138 -5.16 7.95 14.50
CA TYR A 138 -4.07 7.53 15.38
C TYR A 138 -2.83 7.23 14.57
N ASP A 139 -1.70 7.29 15.26
CA ASP A 139 -0.43 6.80 14.73
C ASP A 139 0.24 6.02 15.87
N ASP A 140 1.53 5.76 15.73
CA ASP A 140 2.24 4.99 16.76
C ASP A 140 2.44 5.80 18.04
N GLN A 141 2.41 7.14 17.94
CA GLN A 141 2.62 8.01 19.08
C GLN A 141 1.32 8.42 19.78
N LYS A 142 0.24 8.65 19.04
CA LYS A 142 -0.90 9.34 19.64
C LYS A 142 -2.21 8.89 19.01
N ILE A 143 -3.29 9.11 19.75
CA ILE A 143 -4.65 9.07 19.25
C ILE A 143 -5.23 10.47 19.36
N VAL A 144 -5.65 11.03 18.24
CA VAL A 144 -6.35 12.31 18.24
C VAL A 144 -7.82 12.01 18.09
N SER A 145 -8.63 12.57 18.99
CA SER A 145 -10.02 12.17 19.09
C SER A 145 -10.91 13.40 19.19
N GLY A 146 -12.05 13.30 18.56
CA GLY A 146 -13.05 14.34 18.60
C GLY A 146 -14.27 13.93 19.38
N LEU A 147 -14.80 14.86 20.20
CA LEU A 147 -15.74 14.52 21.23
C LEU A 147 -17.00 15.38 21.12
N ARG A 148 -18.11 14.81 21.58
CA ARG A 148 -19.39 15.48 21.66
C ARG A 148 -19.41 16.64 22.65
N ASP A 149 -18.41 16.75 23.51
CA ASP A 149 -18.31 17.88 24.44
C ASP A 149 -17.63 19.10 23.83
N ASN A 150 -17.39 19.11 22.52
CA ASN A 150 -16.89 20.24 21.72
C ASN A 150 -15.36 20.28 21.71
N THR A 151 -14.67 19.31 22.31
CA THR A 151 -13.22 19.37 22.36
C THR A 151 -12.57 18.33 21.46
N ILE A 152 -11.28 18.55 21.23
CA ILE A 152 -10.39 17.55 20.67
C ILE A 152 -9.47 17.12 21.80
N LYS A 153 -9.40 15.84 22.07
CA LYS A 153 -8.50 15.28 23.07
C LYS A 153 -7.43 14.47 22.37
N ILE A 154 -6.17 14.72 22.72
CA ILE A 154 -5.03 13.98 22.17
C ILE A 154 -4.53 13.02 23.24
N TRP A 155 -4.52 11.73 22.91
CA TRP A 155 -4.10 10.69 23.84
C TRP A 155 -2.76 10.11 23.42
N ASP A 156 -1.91 9.84 24.40
CA ASP A 156 -0.64 9.14 24.15
C ASP A 156 -0.92 7.67 23.84
N LYS A 157 -0.47 7.21 22.67
CA LYS A 157 -0.78 5.84 22.24
C LYS A 157 -0.26 4.81 23.24
N ASN A 158 0.86 5.10 23.93
CA ASN A 158 1.48 4.13 24.82
C ASN A 158 0.96 4.18 26.26
N THR A 159 0.85 5.37 26.85
CA THR A 159 0.40 5.46 28.24
C THR A 159 -1.11 5.63 28.39
N LEU A 160 -1.82 5.92 27.30
CA LEU A 160 -3.28 6.11 27.26
C LEU A 160 -3.74 7.33 28.04
N GLU A 161 -2.81 8.15 28.53
CA GLU A 161 -3.11 9.40 29.21
C GLU A 161 -3.49 10.50 28.22
N CYS A 162 -4.25 11.48 28.72
CA CYS A 162 -4.64 12.63 27.91
C CYS A 162 -3.51 13.67 27.93
N LYS A 163 -2.99 14.01 26.74
CA LYS A 163 -1.86 14.91 26.62
C LYS A 163 -2.26 16.33 26.22
N ARG A 164 -3.44 16.54 25.64
CA ARG A 164 -3.83 17.86 25.20
C ARG A 164 -5.33 17.92 25.01
N ILE A 165 -5.94 19.00 25.47
CA ILE A 165 -7.33 19.36 25.16
C ILE A 165 -7.35 20.65 24.34
N LEU A 166 -7.93 20.57 23.16
CA LEU A 166 -8.03 21.65 22.20
C LEU A 166 -9.48 22.12 22.23
N THR A 167 -9.65 23.35 22.71
CA THR A 167 -10.96 23.97 22.79
C THR A 167 -11.06 25.08 21.74
N GLY A 168 -12.30 25.39 21.38
CA GLY A 168 -12.55 26.43 20.40
C GLY A 168 -13.83 26.22 19.63
N HIS A 169 -14.13 24.97 19.29
CA HIS A 169 -15.40 24.65 18.65
C HIS A 169 -16.54 24.91 19.64
N THR A 170 -17.65 25.46 19.12
CA THR A 170 -18.82 25.71 19.95
C THR A 170 -19.87 24.62 19.79
N GLY A 171 -19.55 23.54 19.07
CA GLY A 171 -20.38 22.36 19.03
C GLY A 171 -19.54 21.11 18.85
N SER A 172 -20.24 19.98 18.71
CA SER A 172 -19.54 18.71 18.66
C SER A 172 -18.54 18.72 17.52
N VAL A 173 -17.41 18.04 17.74
CA VAL A 173 -16.43 17.87 16.69
C VAL A 173 -16.75 16.54 16.00
N LEU A 174 -17.31 16.64 14.80
CA LEU A 174 -17.89 15.50 14.09
C LEU A 174 -16.87 14.76 13.26
N CYS A 175 -15.86 15.46 12.72
CA CYS A 175 -14.89 14.85 11.83
C CYS A 175 -13.54 15.49 12.06
N LEU A 176 -12.48 14.74 11.73
CA LEU A 176 -11.13 15.28 11.86
C LEU A 176 -10.17 14.44 11.02
N GLN A 177 -9.06 15.09 10.66
CA GLN A 177 -7.93 14.43 10.03
C GLN A 177 -6.70 15.26 10.40
N TYR A 178 -5.56 14.60 10.50
CA TYR A 178 -4.32 15.32 10.73
C TYR A 178 -3.21 14.72 9.90
N ASP A 179 -2.18 15.53 9.68
CA ASP A 179 -0.96 15.07 9.03
C ASP A 179 0.22 15.49 9.91
N GLU A 180 1.40 15.57 9.31
CA GLU A 180 2.60 15.92 10.07
C GLU A 180 2.61 17.37 10.54
N ARG A 181 1.74 18.23 10.00
CA ARG A 181 1.73 19.64 10.38
C ARG A 181 0.48 20.08 11.13
N VAL A 182 -0.72 19.69 10.68
CA VAL A 182 -1.94 20.30 11.18
C VAL A 182 -2.96 19.23 11.57
N ILE A 183 -3.90 19.63 12.42
CA ILE A 183 -5.16 18.94 12.62
C ILE A 183 -6.24 19.82 12.00
N ILE A 184 -7.13 19.21 11.21
CA ILE A 184 -8.29 19.92 10.66
C ILE A 184 -9.56 19.22 11.14
N THR A 185 -10.49 20.00 11.67
CA THR A 185 -11.70 19.50 12.32
C THR A 185 -12.94 20.15 11.73
N GLY A 186 -14.02 19.38 11.64
CA GLY A 186 -15.33 19.92 11.31
C GLY A 186 -16.33 19.63 12.41
N SER A 187 -17.31 20.52 12.55
CA SER A 187 -18.09 20.59 13.77
C SER A 187 -19.58 20.83 13.48
N SER A 188 -20.41 20.38 14.43
CA SER A 188 -21.80 20.81 14.49
C SER A 188 -21.97 22.33 14.50
N ASP A 189 -20.92 23.09 14.84
CA ASP A 189 -21.09 24.54 14.81
C ASP A 189 -20.95 25.12 13.40
N SER A 190 -20.79 24.27 12.37
CA SER A 190 -20.79 24.58 10.95
C SER A 190 -19.42 25.14 10.51
N THR A 191 -18.40 25.14 11.38
CA THR A 191 -17.10 25.64 11.00
C THR A 191 -16.11 24.50 10.82
N VAL A 192 -15.06 24.80 10.05
CA VAL A 192 -13.86 23.99 9.94
C VAL A 192 -12.76 24.76 10.63
N ARG A 193 -11.99 24.08 11.48
CA ARG A 193 -10.88 24.71 12.20
C ARG A 193 -9.58 23.95 11.93
N VAL A 194 -8.48 24.69 11.95
CA VAL A 194 -7.15 24.18 11.65
C VAL A 194 -6.29 24.42 12.88
N TRP A 195 -5.69 23.34 13.39
CA TRP A 195 -4.91 23.39 14.62
C TRP A 195 -3.50 22.89 14.36
N ASP A 196 -2.54 23.49 15.07
CA ASP A 196 -1.17 23.01 15.04
C ASP A 196 -1.09 21.65 15.73
N VAL A 197 -0.63 20.62 15.00
CA VAL A 197 -0.67 19.26 15.54
C VAL A 197 0.28 19.11 16.72
N ASN A 198 1.33 19.92 16.78
CA ASN A 198 2.26 19.84 17.88
C ASN A 198 1.82 20.65 19.10
N THR A 199 1.42 21.91 18.90
CA THR A 199 1.12 22.79 20.02
C THR A 199 -0.38 22.95 20.30
N GLY A 200 -1.25 22.56 19.38
CA GLY A 200 -2.68 22.74 19.56
C GLY A 200 -3.21 24.13 19.24
N GLU A 201 -2.34 25.08 18.92
CA GLU A 201 -2.77 26.43 18.59
C GLU A 201 -3.74 26.45 17.41
N MET A 202 -4.85 27.17 17.59
CA MET A 202 -5.79 27.37 16.49
C MET A 202 -5.17 28.28 15.44
N LEU A 203 -5.09 27.80 14.21
CA LEU A 203 -4.41 28.54 13.14
C LEU A 203 -5.36 29.19 12.15
N ASN A 204 -6.55 28.61 11.94
CA ASN A 204 -7.49 29.13 10.97
C ASN A 204 -8.87 28.58 11.25
N THR A 205 -9.88 29.32 10.81
CA THR A 205 -11.28 28.92 10.88
C THR A 205 -11.92 29.26 9.54
N LEU A 206 -12.60 28.28 8.95
CA LEU A 206 -13.31 28.49 7.69
C LEU A 206 -14.80 28.63 7.94
N ILE A 207 -15.34 29.79 7.59
CA ILE A 207 -16.76 30.10 7.67
C ILE A 207 -17.30 29.96 6.26
N HIS A 208 -18.00 28.86 5.99
CA HIS A 208 -18.57 28.67 4.67
C HIS A 208 -19.91 27.96 4.74
N HIS A 209 -19.94 26.82 5.41
CA HIS A 209 -21.14 26.00 5.43
C HIS A 209 -22.23 26.64 6.29
N CYS A 210 -23.48 26.38 5.92
CA CYS A 210 -24.63 26.89 6.64
C CYS A 210 -25.13 25.93 7.70
N GLU A 211 -24.64 24.69 7.72
CA GLU A 211 -25.06 23.68 8.66
C GLU A 211 -23.84 22.87 9.05
N ALA A 212 -24.00 21.98 10.04
CA ALA A 212 -22.92 21.15 10.55
C ALA A 212 -22.03 20.60 9.44
N VAL A 213 -20.72 20.66 9.67
CA VAL A 213 -19.73 20.04 8.80
C VAL A 213 -19.53 18.60 9.27
N LEU A 214 -20.02 17.64 8.48
CA LEU A 214 -20.09 16.24 8.90
C LEU A 214 -18.83 15.45 8.55
N HIS A 215 -18.13 15.82 7.49
CA HIS A 215 -16.92 15.07 7.15
C HIS A 215 -15.96 15.98 6.38
N LEU A 216 -14.69 15.58 6.39
CA LEU A 216 -13.67 16.22 5.58
C LEU A 216 -12.50 15.26 5.36
N ARG A 217 -11.78 15.47 4.26
CA ARG A 217 -10.48 14.85 4.04
C ARG A 217 -9.59 15.88 3.35
N PHE A 218 -8.29 15.81 3.63
CA PHE A 218 -7.32 16.65 2.95
C PHE A 218 -5.98 15.95 2.84
N ASN A 219 -5.18 16.37 1.86
CA ASN A 219 -3.85 15.80 1.68
C ASN A 219 -3.22 16.55 0.51
N ASN A 220 -1.93 16.87 0.61
CA ASN A 220 -1.16 17.37 -0.54
C ASN A 220 -1.82 18.57 -1.24
N GLY A 221 -2.13 19.60 -0.43
CA GLY A 221 -2.63 20.89 -0.84
C GLY A 221 -4.11 21.02 -1.15
N MET A 222 -4.90 19.98 -1.03
CA MET A 222 -6.32 20.15 -1.23
C MET A 222 -7.10 19.48 -0.11
N MET A 223 -8.32 19.99 0.11
CA MET A 223 -9.23 19.51 1.13
C MET A 223 -10.62 19.46 0.51
N VAL A 224 -11.40 18.45 0.90
CA VAL A 224 -12.82 18.42 0.61
C VAL A 224 -13.60 18.42 1.92
N THR A 225 -14.63 19.25 2.00
CA THR A 225 -15.52 19.28 3.15
C THR A 225 -16.95 19.05 2.68
N CYS A 226 -17.79 18.53 3.56
CA CYS A 226 -19.18 18.31 3.21
C CYS A 226 -20.04 18.53 4.45
N SER A 227 -21.32 18.77 4.21
CA SER A 227 -22.14 19.40 5.22
C SER A 227 -23.57 18.88 5.17
N LYS A 228 -24.24 18.96 6.33
CA LYS A 228 -25.69 18.86 6.43
C LYS A 228 -26.41 19.82 5.50
N ASP A 229 -25.75 20.90 5.06
CA ASP A 229 -26.40 21.85 4.15
C ASP A 229 -26.51 21.34 2.72
N ARG A 230 -26.12 20.10 2.45
CA ARG A 230 -26.34 19.37 1.20
C ARG A 230 -25.27 19.70 0.16
N SER A 231 -24.24 20.45 0.54
CA SER A 231 -23.19 20.84 -0.40
C SER A 231 -21.87 20.18 -0.05
N ILE A 232 -20.96 20.17 -1.02
CA ILE A 232 -19.57 19.82 -0.85
C ILE A 232 -18.74 21.05 -1.21
N ALA A 233 -17.74 21.36 -0.39
CA ALA A 233 -16.78 22.41 -0.69
C ALA A 233 -15.40 21.84 -0.98
N VAL A 234 -14.76 22.36 -2.01
CA VAL A 234 -13.42 21.95 -2.44
C VAL A 234 -12.47 23.11 -2.19
N TRP A 235 -11.41 22.87 -1.42
CA TRP A 235 -10.51 23.91 -0.97
C TRP A 235 -9.10 23.67 -1.49
N ASP A 236 -8.40 24.78 -1.76
CA ASP A 236 -6.96 24.76 -2.04
C ASP A 236 -6.21 25.33 -0.84
N MET A 237 -5.29 24.55 -0.31
CA MET A 237 -4.54 24.94 0.89
C MET A 237 -3.10 25.20 0.47
N ALA A 238 -2.76 26.46 0.22
CA ALA A 238 -1.38 26.83 -0.01
C ALA A 238 -0.58 26.76 1.29
N SER A 239 -1.24 26.85 2.43
CA SER A 239 -0.62 26.84 3.75
C SER A 239 -1.73 26.83 4.80
N PRO A 240 -1.40 26.50 6.05
CA PRO A 240 -2.42 26.53 7.11
C PRO A 240 -3.19 27.85 7.17
N THR A 241 -2.58 28.96 6.77
CA THR A 241 -3.19 30.27 6.91
C THR A 241 -3.69 30.85 5.60
N ASP A 242 -3.52 30.15 4.48
CA ASP A 242 -3.96 30.61 3.17
C ASP A 242 -4.80 29.51 2.52
N ILE A 243 -6.09 29.47 2.81
CA ILE A 243 -6.97 28.42 2.31
C ILE A 243 -8.09 29.11 1.54
N THR A 244 -8.22 28.78 0.27
CA THR A 244 -9.18 29.42 -0.62
C THR A 244 -10.21 28.41 -1.12
N LEU A 245 -11.47 28.82 -1.15
CA LEU A 245 -12.53 28.04 -1.77
C LEU A 245 -12.32 27.98 -3.28
N ARG A 246 -12.20 26.78 -3.82
CA ARG A 246 -12.13 26.64 -5.27
C ARG A 246 -13.53 26.43 -5.88
N ARG A 247 -14.32 25.52 -5.33
CA ARG A 247 -15.62 25.22 -5.92
C ARG A 247 -16.54 24.63 -4.86
N VAL A 248 -17.85 24.85 -5.04
CA VAL A 248 -18.88 24.17 -4.26
C VAL A 248 -19.63 23.20 -5.17
N LEU A 249 -19.68 21.93 -4.77
CA LEU A 249 -20.44 20.91 -5.49
C LEU A 249 -21.80 20.73 -4.84
N VAL A 250 -22.85 20.88 -5.63
CA VAL A 250 -24.22 20.69 -5.19
C VAL A 250 -24.88 19.70 -6.15
N GLY A 251 -25.87 18.99 -5.67
CA GLY A 251 -26.54 17.98 -6.47
C GLY A 251 -27.14 16.95 -5.55
N HIS A 252 -26.55 16.81 -4.37
CA HIS A 252 -27.14 15.95 -3.35
C HIS A 252 -28.39 16.61 -2.81
N ARG A 253 -29.37 15.78 -2.48
CA ARG A 253 -30.68 16.21 -2.04
C ARG A 253 -30.89 16.10 -0.54
N ALA A 254 -29.85 15.75 0.19
CA ALA A 254 -29.90 15.69 1.64
C ALA A 254 -28.48 15.92 2.14
N ALA A 255 -28.33 15.93 3.47
CA ALA A 255 -27.03 16.06 4.08
C ALA A 255 -26.02 15.14 3.39
N VAL A 256 -24.79 15.63 3.22
CA VAL A 256 -23.71 14.81 2.71
C VAL A 256 -22.95 14.32 3.95
N ASN A 257 -23.06 13.03 4.21
CA ASN A 257 -22.53 12.46 5.44
C ASN A 257 -21.04 12.14 5.38
N VAL A 258 -20.47 11.93 4.19
CA VAL A 258 -19.08 11.52 4.10
C VAL A 258 -18.56 11.92 2.71
N VAL A 259 -17.26 12.18 2.64
CA VAL A 259 -16.58 12.47 1.38
C VAL A 259 -15.19 11.86 1.45
N ASP A 260 -14.74 11.31 0.33
CA ASP A 260 -13.38 10.83 0.19
C ASP A 260 -12.92 11.21 -1.21
N PHE A 261 -11.61 11.18 -1.43
CA PHE A 261 -11.10 11.53 -2.75
C PHE A 261 -9.69 10.99 -2.94
N ASP A 262 -9.27 10.95 -4.20
CA ASP A 262 -7.88 10.80 -4.59
C ASP A 262 -7.65 11.69 -5.81
N ASP A 263 -6.57 11.43 -6.55
CA ASP A 263 -6.25 12.26 -7.70
C ASP A 263 -7.24 12.07 -8.86
N LYS A 264 -7.94 10.92 -8.91
CA LYS A 264 -8.91 10.70 -9.98
C LYS A 264 -10.25 11.34 -9.66
N TYR A 265 -10.81 11.03 -8.49
CA TYR A 265 -12.20 11.33 -8.21
C TYR A 265 -12.39 11.84 -6.79
N ILE A 266 -13.42 12.67 -6.62
CA ILE A 266 -14.05 12.94 -5.33
C ILE A 266 -15.30 12.09 -5.21
N VAL A 267 -15.49 11.48 -4.04
CA VAL A 267 -16.62 10.58 -3.81
C VAL A 267 -17.39 11.04 -2.57
N SER A 268 -18.67 11.31 -2.74
CA SER A 268 -19.54 11.82 -1.69
C SER A 268 -20.73 10.90 -1.53
N ALA A 269 -21.26 10.80 -0.32
CA ALA A 269 -22.44 9.99 -0.09
C ALA A 269 -23.35 10.68 0.91
N SER A 270 -24.63 10.35 0.84
CA SER A 270 -25.67 11.25 1.32
C SER A 270 -26.85 10.45 1.86
N GLY A 271 -27.60 11.11 2.74
CA GLY A 271 -28.93 10.70 3.15
C GLY A 271 -29.89 10.50 2.00
N ASP A 272 -29.58 11.08 0.84
CA ASP A 272 -30.43 10.93 -0.33
C ASP A 272 -30.28 9.58 -1.02
N ARG A 273 -29.61 8.68 -0.33
CA ARG A 273 -29.41 7.32 -0.78
C ARG A 273 -28.49 7.09 -1.93
N THR A 274 -27.68 8.06 -2.28
CA THR A 274 -26.82 7.92 -3.43
C THR A 274 -25.36 8.20 -3.07
N ILE A 275 -24.47 7.65 -3.88
CA ILE A 275 -23.06 8.03 -3.91
C ILE A 275 -22.84 8.80 -5.21
N LYS A 276 -22.14 9.93 -5.13
CA LYS A 276 -21.81 10.68 -6.33
C LYS A 276 -20.31 10.80 -6.53
N VAL A 277 -19.91 10.77 -7.80
CA VAL A 277 -18.52 10.75 -8.20
C VAL A 277 -18.22 12.03 -8.99
N TRP A 278 -17.13 12.69 -8.61
CA TRP A 278 -16.76 13.95 -9.24
C TRP A 278 -15.29 13.86 -9.62
N ASN A 279 -14.94 14.57 -10.67
CA ASN A 279 -13.57 14.59 -11.18
C ASN A 279 -12.80 15.59 -10.33
N THR A 280 -11.71 15.14 -9.70
CA THR A 280 -11.04 16.00 -8.75
C THR A 280 -10.57 17.28 -9.43
N SER A 281 -9.99 17.14 -10.63
CA SER A 281 -9.47 18.27 -11.39
C SER A 281 -10.57 19.24 -11.80
N THR A 282 -11.72 18.72 -12.28
CA THR A 282 -12.72 19.58 -12.88
C THR A 282 -13.90 19.91 -11.99
N CYS A 283 -14.13 19.15 -10.93
CA CYS A 283 -15.28 19.31 -10.05
C CYS A 283 -16.60 19.10 -10.79
N GLU A 284 -16.55 18.52 -11.99
CA GLU A 284 -17.74 18.17 -12.75
C GLU A 284 -18.32 16.86 -12.26
N PHE A 285 -19.65 16.81 -12.18
CA PHE A 285 -20.29 15.53 -11.89
C PHE A 285 -19.90 14.50 -12.93
N VAL A 286 -19.64 13.28 -12.48
CA VAL A 286 -19.25 12.18 -13.34
C VAL A 286 -20.33 11.10 -13.37
N ARG A 287 -20.74 10.61 -12.20
CA ARG A 287 -21.74 9.54 -12.16
C ARG A 287 -22.25 9.39 -10.74
N THR A 288 -23.45 8.83 -10.66
CA THR A 288 -24.14 8.46 -9.44
C THR A 288 -24.08 6.95 -9.23
N LEU A 289 -23.69 6.52 -8.03
CA LEU A 289 -23.81 5.11 -7.67
C LEU A 289 -25.12 4.94 -6.92
N ASN A 290 -26.07 4.24 -7.53
CA ASN A 290 -27.35 3.88 -6.93
C ASN A 290 -27.33 2.46 -6.39
N GLY A 291 -28.22 2.19 -5.44
CA GLY A 291 -28.38 0.82 -4.98
C GLY A 291 -28.75 0.61 -3.53
N HIS A 292 -28.23 1.40 -2.63
CA HIS A 292 -28.60 1.29 -1.24
C HIS A 292 -30.02 1.68 -1.11
N LYS A 293 -30.72 1.06 -0.19
CA LYS A 293 -32.12 1.35 -0.01
C LYS A 293 -32.40 2.45 0.98
N ARG A 294 -31.39 2.90 1.69
CA ARG A 294 -31.54 3.94 2.68
C ARG A 294 -30.34 4.79 2.61
N GLY A 295 -30.35 5.88 3.32
CA GLY A 295 -29.24 6.77 3.36
C GLY A 295 -27.96 6.06 3.70
N ILE A 296 -26.89 6.67 3.29
CA ILE A 296 -25.53 6.17 3.46
C ILE A 296 -24.83 6.91 4.59
N ALA A 297 -24.30 6.15 5.56
CA ALA A 297 -23.69 6.73 6.74
C ALA A 297 -22.18 6.81 6.69
N CYS A 298 -21.52 6.01 5.86
CA CYS A 298 -20.06 5.94 5.91
C CYS A 298 -19.54 5.38 4.59
N LEU A 299 -18.26 5.61 4.34
CA LEU A 299 -17.69 5.29 3.04
C LEU A 299 -16.18 5.40 3.13
N GLN A 300 -15.48 4.55 2.36
CA GLN A 300 -14.08 4.74 2.06
C GLN A 300 -13.81 4.45 0.60
N TYR A 301 -12.88 5.21 0.00
CA TYR A 301 -12.55 5.08 -1.41
C TYR A 301 -11.04 5.05 -1.57
N ARG A 302 -10.55 4.04 -2.30
CA ARG A 302 -9.13 3.92 -2.64
C ARG A 302 -9.03 3.16 -3.95
N ASP A 303 -8.08 3.58 -4.81
CA ASP A 303 -7.84 2.89 -6.07
C ASP A 303 -9.07 2.87 -6.96
N ARG A 304 -9.64 1.69 -7.18
CA ARG A 304 -10.90 1.55 -7.87
C ARG A 304 -12.05 1.17 -6.96
N LEU A 305 -11.79 1.01 -5.66
CA LEU A 305 -12.76 0.42 -4.75
C LEU A 305 -13.44 1.52 -3.93
N VAL A 306 -14.77 1.50 -3.94
CA VAL A 306 -15.60 2.28 -3.02
C VAL A 306 -16.25 1.29 -2.06
N VAL A 307 -16.21 1.62 -0.77
CA VAL A 307 -16.90 0.84 0.26
C VAL A 307 -17.86 1.77 1.01
N SER A 308 -19.14 1.37 1.08
CA SER A 308 -20.16 2.19 1.71
C SER A 308 -20.93 1.42 2.76
N GLY A 309 -21.37 2.13 3.77
CA GLY A 309 -22.22 1.54 4.81
C GLY A 309 -23.48 2.38 4.93
N SER A 310 -24.59 1.72 5.12
CA SER A 310 -25.83 2.42 5.12
C SER A 310 -26.86 2.07 6.17
N SER A 311 -27.79 2.99 6.33
CA SER A 311 -28.96 2.75 7.16
C SER A 311 -29.77 1.52 6.76
N ASP A 312 -29.52 0.93 5.61
CA ASP A 312 -30.24 -0.28 5.21
C ASP A 312 -29.65 -1.53 5.80
N ASN A 313 -28.67 -1.34 6.64
CA ASN A 313 -27.95 -2.37 7.38
C ASN A 313 -26.95 -3.14 6.52
N THR A 314 -26.77 -2.79 5.26
CA THR A 314 -25.84 -3.50 4.41
C THR A 314 -24.61 -2.67 4.13
N ILE A 315 -23.58 -3.35 3.64
CA ILE A 315 -22.38 -2.74 3.10
C ILE A 315 -22.34 -3.08 1.62
N ARG A 316 -21.96 -2.11 0.79
CA ARG A 316 -21.81 -2.35 -0.63
C ARG A 316 -20.40 -2.00 -1.09
N LEU A 317 -19.86 -2.84 -1.95
CA LEU A 317 -18.58 -2.64 -2.60
C LEU A 317 -18.82 -2.24 -4.05
N TRP A 318 -18.06 -1.28 -4.54
CA TRP A 318 -18.31 -0.74 -5.86
C TRP A 318 -16.96 -0.54 -6.53
N ASP A 319 -16.92 -0.77 -7.84
CA ASP A 319 -15.79 -0.33 -8.64
C ASP A 319 -16.09 1.07 -9.15
N ILE A 320 -15.15 2.00 -8.95
CA ILE A 320 -15.41 3.41 -9.25
C ILE A 320 -15.55 3.69 -10.75
N GLU A 321 -14.87 2.93 -11.62
CA GLU A 321 -14.86 3.31 -13.04
C GLU A 321 -16.19 2.99 -13.72
N CYS A 322 -16.76 1.80 -13.50
CA CYS A 322 -18.03 1.50 -14.13
C CYS A 322 -19.23 1.68 -13.21
N GLY A 323 -19.02 1.98 -11.94
CA GLY A 323 -20.12 2.17 -11.02
C GLY A 323 -20.84 0.90 -10.59
N ALA A 324 -20.39 -0.26 -11.06
CA ALA A 324 -21.04 -1.53 -10.71
C ALA A 324 -20.88 -1.78 -9.22
N CYS A 325 -21.92 -2.33 -8.59
CA CYS A 325 -21.80 -2.87 -7.26
C CYS A 325 -21.30 -4.31 -7.34
N LEU A 326 -20.16 -4.57 -6.73
CA LEU A 326 -19.50 -5.87 -6.85
C LEU A 326 -19.98 -6.88 -5.83
N ARG A 327 -20.57 -6.42 -4.73
CA ARG A 327 -20.92 -7.30 -3.63
C ARG A 327 -21.74 -6.52 -2.61
N VAL A 328 -22.80 -7.14 -2.12
CA VAL A 328 -23.57 -6.64 -0.98
C VAL A 328 -23.23 -7.52 0.22
N LEU A 329 -22.83 -6.88 1.31
CA LEU A 329 -22.50 -7.59 2.55
C LEU A 329 -23.63 -7.40 3.56
N GLU A 330 -24.28 -8.50 3.92
CA GLU A 330 -25.34 -8.52 4.91
C GLU A 330 -24.83 -9.17 6.19
N GLY A 331 -25.40 -8.74 7.32
CA GLY A 331 -25.04 -9.32 8.60
C GLY A 331 -25.17 -8.39 9.79
N HIS A 332 -24.81 -7.12 9.62
CA HIS A 332 -25.05 -6.14 10.69
C HIS A 332 -26.54 -6.08 11.02
N GLU A 333 -26.84 -5.92 12.30
CA GLU A 333 -28.21 -5.84 12.77
C GLU A 333 -28.69 -4.42 12.98
N GLU A 334 -27.83 -3.42 12.80
CA GLU A 334 -28.23 -2.02 12.92
C GLU A 334 -27.47 -1.20 11.89
N LEU A 335 -27.74 0.11 11.87
CA LEU A 335 -27.11 1.02 10.93
C LEU A 335 -25.59 0.89 10.94
N VAL A 336 -24.99 0.75 9.77
CA VAL A 336 -23.55 0.68 9.64
C VAL A 336 -23.00 2.10 9.65
N ARG A 337 -22.26 2.46 10.70
CA ARG A 337 -21.99 3.85 11.00
C ARG A 337 -20.56 4.26 10.67
N CYS A 338 -19.62 3.32 10.67
CA CYS A 338 -18.27 3.59 10.21
C CYS A 338 -17.73 2.35 9.52
N ILE A 339 -16.79 2.56 8.60
CA ILE A 339 -16.24 1.46 7.82
C ILE A 339 -14.86 1.88 7.30
N ARG A 340 -13.91 0.94 7.34
CA ARG A 340 -12.59 1.13 6.76
C ARG A 340 -12.19 -0.18 6.07
N PHE A 341 -11.21 -0.10 5.18
CA PHE A 341 -10.64 -1.31 4.59
C PHE A 341 -9.17 -1.10 4.30
N ASP A 342 -8.42 -2.20 4.27
CA ASP A 342 -7.06 -2.21 3.73
C ASP A 342 -6.94 -3.25 2.62
N ASN A 343 -5.76 -3.85 2.45
CA ASN A 343 -5.60 -4.79 1.36
C ASN A 343 -6.22 -6.16 1.66
N LYS A 344 -6.51 -6.45 2.93
CA LYS A 344 -7.01 -7.76 3.31
C LYS A 344 -8.42 -7.77 3.90
N ARG A 345 -8.82 -6.72 4.62
CA ARG A 345 -10.03 -6.79 5.43
C ARG A 345 -10.88 -5.53 5.29
N ILE A 346 -12.18 -5.69 5.53
CA ILE A 346 -13.09 -4.59 5.85
C ILE A 346 -13.43 -4.66 7.34
N VAL A 347 -13.41 -3.51 8.00
CA VAL A 347 -13.88 -3.41 9.38
C VAL A 347 -14.96 -2.34 9.46
N SER A 348 -16.10 -2.70 10.05
CA SER A 348 -17.28 -1.86 10.10
C SER A 348 -17.82 -1.82 11.52
N GLY A 349 -18.42 -0.70 11.89
CA GLY A 349 -19.05 -0.56 13.19
C GLY A 349 -20.49 -0.11 13.03
N ALA A 350 -21.34 -0.52 13.98
CA ALA A 350 -22.77 -0.39 13.80
C ALA A 350 -23.40 0.33 15.00
N TYR A 351 -24.67 0.69 14.83
CA TYR A 351 -25.42 1.37 15.89
C TYR A 351 -25.67 0.50 17.12
N ASP A 352 -25.56 -0.83 17.00
CA ASP A 352 -25.75 -1.70 18.15
C ASP A 352 -24.46 -1.96 18.92
N GLY A 353 -23.41 -1.18 18.66
CA GLY A 353 -22.15 -1.32 19.35
C GLY A 353 -21.23 -2.39 18.81
N LYS A 354 -21.65 -3.15 17.80
CA LYS A 354 -20.86 -4.26 17.30
C LYS A 354 -19.96 -3.86 16.14
N ILE A 355 -18.81 -4.53 16.09
CA ILE A 355 -17.82 -4.38 15.03
C ILE A 355 -17.71 -5.70 14.29
N LYS A 356 -17.65 -5.65 12.96
CA LYS A 356 -17.51 -6.85 12.16
C LYS A 356 -16.24 -6.78 11.33
N VAL A 357 -15.60 -7.93 11.17
CA VAL A 357 -14.41 -8.09 10.34
C VAL A 357 -14.81 -8.91 9.11
N TRP A 358 -14.52 -8.37 7.93
CA TRP A 358 -14.89 -9.02 6.69
C TRP A 358 -13.64 -9.32 5.86
N ASP A 359 -13.69 -10.43 5.13
CA ASP A 359 -12.61 -10.84 4.23
C ASP A 359 -12.80 -10.14 2.89
N LEU A 360 -11.98 -9.13 2.60
CA LEU A 360 -12.23 -8.30 1.43
C LEU A 360 -11.94 -9.06 0.14
N VAL A 361 -10.85 -9.84 0.11
CA VAL A 361 -10.55 -10.66 -1.06
C VAL A 361 -11.71 -11.61 -1.36
N ALA A 362 -12.13 -12.39 -0.35
CA ALA A 362 -13.29 -13.25 -0.51
C ALA A 362 -14.50 -12.47 -1.01
N ALA A 363 -14.72 -11.26 -0.46
CA ALA A 363 -15.90 -10.49 -0.82
C ALA A 363 -15.85 -10.06 -2.28
N LEU A 364 -14.64 -9.81 -2.81
CA LEU A 364 -14.46 -9.37 -4.18
C LEU A 364 -14.42 -10.54 -5.16
N ASP A 365 -14.48 -11.78 -4.66
CA ASP A 365 -14.54 -12.96 -5.51
C ASP A 365 -16.00 -13.41 -5.58
N PRO A 366 -16.68 -13.24 -6.71
CA PRO A 366 -18.11 -13.58 -6.78
C PRO A 366 -18.42 -15.07 -6.61
N ARG A 367 -17.42 -15.94 -6.54
CA ARG A 367 -17.70 -17.35 -6.25
C ARG A 367 -17.96 -17.60 -4.77
N ALA A 368 -17.40 -16.77 -3.90
CA ALA A 368 -17.46 -17.03 -2.47
C ALA A 368 -18.89 -16.87 -1.95
N PRO A 369 -19.36 -17.78 -1.11
CA PRO A 369 -20.71 -17.63 -0.55
C PRO A 369 -20.74 -16.53 0.51
N ALA A 370 -21.93 -15.97 0.71
CA ALA A 370 -22.06 -14.83 1.60
C ALA A 370 -21.76 -15.19 3.05
N GLY A 371 -22.23 -16.35 3.50
CA GLY A 371 -22.03 -16.75 4.89
C GLY A 371 -20.59 -16.91 5.30
N THR A 372 -19.67 -17.11 4.36
CA THR A 372 -18.25 -17.19 4.66
C THR A 372 -17.54 -15.84 4.73
N LEU A 373 -18.26 -14.73 4.59
CA LEU A 373 -17.58 -13.45 4.36
C LEU A 373 -17.25 -12.72 5.65
N CYS A 374 -18.09 -12.84 6.68
CA CYS A 374 -17.84 -12.19 7.96
C CYS A 374 -16.97 -13.10 8.80
N LEU A 375 -15.74 -12.65 9.08
CA LEU A 375 -14.79 -13.49 9.81
C LEU A 375 -15.09 -13.48 11.31
N ARG A 376 -15.46 -12.34 11.88
CA ARG A 376 -15.64 -12.22 13.32
C ARG A 376 -16.56 -11.05 13.62
N THR A 377 -17.29 -11.17 14.71
CA THR A 377 -18.03 -10.07 15.31
C THR A 377 -17.44 -9.78 16.68
N LEU A 378 -17.12 -8.50 16.91
CA LEU A 378 -16.44 -8.06 18.13
C LEU A 378 -17.38 -7.16 18.90
N VAL A 379 -17.66 -7.52 20.15
CA VAL A 379 -18.71 -6.89 20.95
C VAL A 379 -18.06 -6.42 22.26
N GLU A 380 -17.63 -5.16 22.28
CA GLU A 380 -17.10 -4.56 23.51
C GLU A 380 -17.59 -3.15 23.77
N HIS A 381 -18.25 -2.50 22.81
CA HIS A 381 -18.84 -1.20 23.04
C HIS A 381 -20.25 -1.34 23.59
N SER A 382 -20.67 -0.35 24.38
CA SER A 382 -22.03 -0.31 24.91
C SER A 382 -22.87 0.78 24.27
N GLY A 383 -22.42 1.36 23.16
CA GLY A 383 -23.21 2.33 22.43
C GLY A 383 -22.79 2.32 20.97
N ARG A 384 -23.45 3.17 20.19
CA ARG A 384 -23.16 3.27 18.76
C ARG A 384 -21.67 3.46 18.51
N VAL A 385 -21.15 2.72 17.55
CA VAL A 385 -19.76 2.87 17.12
C VAL A 385 -19.71 3.98 16.08
N PHE A 386 -18.98 5.06 16.37
CA PHE A 386 -18.97 6.22 15.49
C PHE A 386 -17.80 6.23 14.52
N ARG A 387 -16.66 5.66 14.89
CA ARG A 387 -15.47 5.78 14.07
C ARG A 387 -14.50 4.66 14.42
N LEU A 388 -13.77 4.19 13.42
CA LEU A 388 -12.68 3.26 13.67
C LEU A 388 -11.60 3.48 12.63
N GLN A 389 -10.39 3.07 12.99
CA GLN A 389 -9.26 2.97 12.09
C GLN A 389 -8.51 1.71 12.49
N PHE A 390 -7.89 1.05 11.51
CA PHE A 390 -7.18 -0.18 11.80
C PHE A 390 -5.97 -0.33 10.88
N ASP A 391 -5.16 -1.35 11.18
CA ASP A 391 -4.00 -1.73 10.38
C ASP A 391 -3.81 -3.23 10.55
N GLU A 392 -2.61 -3.72 10.18
CA GLU A 392 -2.32 -5.15 10.26
C GLU A 392 -2.43 -5.69 11.68
N PHE A 393 -2.19 -4.85 12.69
CA PHE A 393 -2.04 -5.33 14.05
C PHE A 393 -3.21 -4.99 14.97
N GLN A 394 -3.99 -3.96 14.67
CA GLN A 394 -4.93 -3.51 15.67
C GLN A 394 -6.08 -2.74 15.04
N ILE A 395 -7.15 -2.58 15.83
CA ILE A 395 -8.25 -1.67 15.52
C ILE A 395 -8.33 -0.64 16.64
N VAL A 396 -8.54 0.62 16.28
CA VAL A 396 -8.92 1.64 17.25
C VAL A 396 -10.31 2.13 16.88
N SER A 397 -11.23 2.04 17.83
CA SER A 397 -12.64 2.37 17.61
C SER A 397 -13.12 3.28 18.74
N SER A 398 -14.14 4.08 18.46
CA SER A 398 -14.69 4.99 19.45
C SER A 398 -16.21 5.00 19.32
N SER A 399 -16.88 5.41 20.39
CA SER A 399 -18.28 5.08 20.56
C SER A 399 -19.02 6.19 21.31
N HIS A 400 -20.34 6.16 21.15
CA HIS A 400 -21.23 6.97 21.98
C HIS A 400 -21.07 6.67 23.46
N ASP A 401 -20.60 5.47 23.81
CA ASP A 401 -20.39 5.12 25.21
C ASP A 401 -19.23 5.87 25.85
N ASP A 402 -18.59 6.79 25.13
CA ASP A 402 -17.55 7.68 25.67
C ASP A 402 -16.25 6.93 25.92
N THR A 403 -16.01 5.84 25.21
CA THR A 403 -14.76 5.10 25.30
C THR A 403 -14.10 5.02 23.94
N ILE A 404 -12.77 4.89 23.96
CA ILE A 404 -11.98 4.50 22.80
C ILE A 404 -11.39 3.13 23.11
N LEU A 405 -11.59 2.18 22.20
CA LEU A 405 -11.02 0.85 22.36
C LEU A 405 -9.90 0.63 21.34
N ILE A 406 -8.81 0.01 21.80
CA ILE A 406 -7.76 -0.50 20.94
C ILE A 406 -7.81 -2.03 20.99
N TRP A 407 -8.11 -2.64 19.86
CA TRP A 407 -8.18 -4.10 19.77
C TRP A 407 -6.88 -4.56 19.15
N ASP A 408 -6.11 -5.34 19.88
CA ASP A 408 -4.76 -5.69 19.46
C ASP A 408 -4.65 -7.19 19.22
N PHE A 409 -4.39 -7.56 17.97
CA PHE A 409 -4.35 -8.94 17.53
C PHE A 409 -2.94 -9.49 17.48
N LEU A 410 -1.96 -8.75 17.99
CA LEU A 410 -0.60 -9.22 18.09
C LEU A 410 -0.24 -9.53 19.55
N SER B 2 22.42 10.53 -36.94
CA SER B 2 22.86 9.14 -36.77
C SER B 2 24.30 9.07 -36.29
N ILE B 3 24.60 8.06 -35.48
CA ILE B 3 25.94 7.84 -34.95
C ILE B 3 26.38 6.43 -35.31
N LYS B 4 27.64 6.29 -35.73
CA LYS B 4 28.19 4.98 -36.06
C LYS B 4 28.70 4.29 -34.80
N LEU B 5 28.20 3.09 -34.53
CA LEU B 5 28.72 2.23 -33.48
C LEU B 5 29.64 1.19 -34.11
N GLN B 6 30.76 0.91 -33.46
CA GLN B 6 31.76 0.00 -34.03
C GLN B 6 31.94 -1.21 -33.13
N SER B 7 31.49 -2.37 -33.62
CA SER B 7 31.55 -3.61 -32.86
C SER B 7 32.96 -4.15 -32.80
N SER B 8 33.17 -5.09 -31.87
CA SER B 8 34.49 -5.71 -31.69
C SER B 8 35.00 -6.36 -32.97
N ASP B 9 34.10 -6.88 -33.81
CA ASP B 9 34.51 -7.40 -35.12
C ASP B 9 35.03 -6.31 -36.04
N GLY B 10 34.36 -5.17 -36.10
CA GLY B 10 34.76 -4.13 -37.05
C GLY B 10 33.62 -3.64 -37.91
N GLU B 11 32.53 -4.40 -37.95
CA GLU B 11 31.33 -4.01 -38.68
C GLU B 11 30.79 -2.73 -38.09
N ILE B 12 30.46 -1.75 -38.94
CA ILE B 12 30.04 -0.44 -38.48
C ILE B 12 28.52 -0.41 -38.57
N PHE B 13 27.85 0.07 -37.54
CA PHE B 13 26.39 0.16 -37.57
C PHE B 13 25.97 1.63 -37.44
N GLU B 14 25.12 2.10 -38.37
CA GLU B 14 24.50 3.42 -38.23
C GLU B 14 23.24 3.37 -37.37
N VAL B 15 23.24 4.13 -36.27
CA VAL B 15 22.14 4.14 -35.32
C VAL B 15 21.80 5.60 -34.99
N ASP B 16 20.51 5.90 -34.83
CA ASP B 16 20.12 7.25 -34.42
C ASP B 16 20.63 7.55 -33.02
N VAL B 17 21.12 8.78 -32.83
CA VAL B 17 21.74 9.16 -31.57
C VAL B 17 20.80 8.95 -30.37
N GLU B 18 19.49 9.11 -30.57
CA GLU B 18 18.57 8.96 -29.45
C GLU B 18 18.38 7.51 -29.06
N ILE B 19 18.51 6.58 -30.00
CA ILE B 19 18.53 5.16 -29.63
C ILE B 19 19.82 4.82 -28.90
N ALA B 20 20.96 5.18 -29.51
CA ALA B 20 22.26 4.93 -28.90
C ALA B 20 22.34 5.44 -27.46
N LYS B 21 21.84 6.64 -27.21
CA LYS B 21 22.00 7.32 -25.92
C LYS B 21 21.07 6.79 -24.83
N GLN B 22 20.30 5.73 -25.07
CA GLN B 22 19.66 5.03 -23.96
C GLN B 22 20.65 4.27 -23.07
N SER B 23 21.81 3.89 -23.62
CA SER B 23 22.95 3.39 -22.87
C SER B 23 23.77 4.55 -22.33
N VAL B 24 23.80 4.71 -21.00
CA VAL B 24 24.64 5.74 -20.39
C VAL B 24 26.10 5.58 -20.83
N THR B 25 26.59 4.35 -20.97
CA THR B 25 27.97 4.15 -21.42
C THR B 25 28.21 4.78 -22.80
N ILE B 26 27.36 4.48 -23.78
CA ILE B 26 27.57 5.09 -25.10
C ILE B 26 27.35 6.61 -25.04
N LYS B 27 26.43 7.08 -24.19
CA LYS B 27 26.19 8.52 -24.05
C LYS B 27 27.41 9.26 -23.51
N THR B 28 28.08 8.70 -22.50
CA THR B 28 29.29 9.30 -21.96
C THR B 28 30.40 9.40 -23.01
N MET B 29 30.58 8.36 -23.81
CA MET B 29 31.61 8.39 -24.84
C MET B 29 31.31 9.48 -25.86
N LEU B 30 30.02 9.67 -26.16
CA LEU B 30 29.60 10.77 -27.02
C LEU B 30 29.81 12.11 -26.32
N GLU B 31 29.17 12.30 -25.17
CA GLU B 31 29.07 13.64 -24.58
C GLU B 31 30.39 14.11 -23.95
N ASP B 32 31.14 13.24 -23.28
CA ASP B 32 32.31 13.76 -22.58
C ASP B 32 33.64 13.59 -23.34
N LEU B 33 33.81 12.51 -24.08
CA LEU B 33 35.03 12.33 -24.87
C LEU B 33 34.85 12.63 -26.35
N GLY B 34 33.62 12.89 -26.81
CA GLY B 34 33.39 13.27 -28.18
C GLY B 34 33.97 12.33 -29.21
N MET B 35 33.66 11.04 -29.09
CA MET B 35 34.26 10.01 -29.95
C MET B 35 33.27 9.65 -31.03
N ASP B 36 33.76 9.64 -32.28
CA ASP B 36 33.04 9.13 -33.42
C ASP B 36 33.98 8.51 -34.45
N PRO B 37 33.73 7.25 -34.85
CA PRO B 37 32.68 6.43 -34.21
C PRO B 37 33.05 5.99 -32.79
N VAL B 38 32.18 5.24 -32.14
CA VAL B 38 32.44 4.75 -30.78
C VAL B 38 32.88 3.29 -30.91
N PRO B 39 34.15 2.97 -30.68
CA PRO B 39 34.54 1.56 -30.72
C PRO B 39 33.95 0.87 -29.50
N LEU B 40 33.50 -0.36 -29.70
CA LEU B 40 32.93 -1.17 -28.63
C LEU B 40 33.64 -2.52 -28.64
N PRO B 41 34.83 -2.60 -28.06
CA PRO B 41 35.62 -3.83 -28.08
C PRO B 41 35.02 -5.02 -27.34
N ASN B 42 34.02 -4.81 -26.50
CA ASN B 42 33.49 -5.89 -25.68
C ASN B 42 32.16 -6.45 -26.20
N VAL B 43 31.67 -5.97 -27.34
CA VAL B 43 30.39 -6.40 -27.90
C VAL B 43 30.59 -6.73 -29.38
N ASN B 44 30.36 -7.99 -29.75
CA ASN B 44 30.48 -8.35 -31.15
C ASN B 44 29.23 -7.97 -31.95
N ALA B 45 29.34 -8.11 -33.28
CA ALA B 45 28.30 -7.63 -34.18
C ALA B 45 26.98 -8.37 -33.99
N ALA B 46 27.04 -9.68 -33.72
CA ALA B 46 25.81 -10.46 -33.61
C ALA B 46 24.99 -10.05 -32.40
N ILE B 47 25.66 -9.86 -31.26
CA ILE B 47 24.96 -9.43 -30.05
C ILE B 47 24.56 -7.97 -30.18
N LEU B 48 25.43 -7.15 -30.78
CA LEU B 48 25.15 -5.73 -30.94
C LEU B 48 23.89 -5.50 -31.74
N LYS B 49 23.71 -6.24 -32.83
CA LYS B 49 22.47 -6.10 -33.59
C LYS B 49 21.26 -6.46 -32.74
N LYS B 50 21.34 -7.54 -31.96
CA LYS B 50 20.26 -7.89 -31.04
C LYS B 50 19.97 -6.77 -30.05
N VAL B 51 21.00 -6.14 -29.48
CA VAL B 51 20.74 -5.08 -28.50
C VAL B 51 20.13 -3.87 -29.21
N ILE B 52 20.68 -3.46 -30.36
CA ILE B 52 20.12 -2.34 -31.10
C ILE B 52 18.66 -2.60 -31.41
N GLN B 53 18.32 -3.82 -31.81
CA GLN B 53 16.92 -4.17 -32.07
C GLN B 53 16.08 -3.91 -30.84
N TRP B 54 16.55 -4.33 -29.67
CA TRP B 54 15.81 -4.14 -28.42
C TRP B 54 15.66 -2.65 -28.10
N CYS B 55 16.71 -1.87 -28.36
CA CYS B 55 16.69 -0.44 -28.03
C CYS B 55 15.69 0.32 -28.89
N THR B 56 15.63 0.01 -30.20
CA THR B 56 14.66 0.67 -31.06
C THR B 56 13.23 0.44 -30.54
N HIS B 57 12.88 -0.82 -30.28
CA HIS B 57 11.53 -1.13 -29.80
C HIS B 57 11.21 -0.39 -28.50
N HIS B 58 12.22 -0.04 -27.72
CA HIS B 58 11.98 0.57 -26.41
C HIS B 58 12.35 2.05 -26.43
N PRO B 67 6.79 -8.15 -20.49
CA PRO B 67 6.52 -7.79 -21.89
C PRO B 67 6.36 -9.02 -22.77
N VAL B 68 5.42 -8.98 -23.72
CA VAL B 68 5.23 -10.13 -24.60
C VAL B 68 6.26 -10.14 -25.72
N TRP B 69 6.62 -8.95 -26.23
CA TRP B 69 7.64 -8.88 -27.27
C TRP B 69 9.00 -9.31 -26.74
N ASP B 70 9.29 -8.99 -25.48
CA ASP B 70 10.58 -9.36 -24.91
C ASP B 70 10.68 -10.86 -24.70
N GLN B 71 9.60 -11.50 -24.25
CA GLN B 71 9.62 -12.95 -24.11
C GLN B 71 9.96 -13.64 -25.42
N GLU B 72 9.40 -13.16 -26.54
CA GLU B 72 9.75 -13.74 -27.83
C GLU B 72 11.19 -13.39 -28.22
N PHE B 73 11.62 -12.16 -27.93
CA PHE B 73 12.99 -11.76 -28.20
C PHE B 73 13.98 -12.61 -27.42
N LEU B 74 13.59 -13.11 -26.25
CA LEU B 74 14.52 -13.84 -25.39
C LEU B 74 14.42 -15.35 -25.56
N LYS B 75 13.69 -15.81 -26.57
CA LYS B 75 13.67 -17.24 -26.90
C LYS B 75 14.94 -17.55 -27.69
N VAL B 76 16.06 -17.57 -26.97
CA VAL B 76 17.38 -17.85 -27.52
C VAL B 76 18.08 -18.80 -26.56
N ASP B 77 19.20 -19.37 -27.02
CA ASP B 77 19.94 -20.27 -26.14
C ASP B 77 20.56 -19.51 -24.97
N GLN B 78 20.92 -20.26 -23.94
CA GLN B 78 21.49 -19.63 -22.75
C GLN B 78 22.81 -18.93 -23.05
N GLY B 79 23.62 -19.46 -23.97
CA GLY B 79 24.86 -18.78 -24.31
C GLY B 79 24.61 -17.38 -24.83
N THR B 80 23.56 -17.20 -25.64
CA THR B 80 23.24 -15.89 -26.19
C THR B 80 22.64 -14.99 -25.12
N LEU B 81 21.77 -15.55 -24.27
CA LEU B 81 21.23 -14.81 -23.14
C LEU B 81 22.33 -14.33 -22.20
N PHE B 82 23.34 -15.18 -21.97
CA PHE B 82 24.47 -14.77 -21.15
C PHE B 82 25.23 -13.61 -21.80
N GLU B 83 25.51 -13.72 -23.10
CA GLU B 83 26.15 -12.63 -23.82
C GLU B 83 25.31 -11.36 -23.79
N LEU B 84 23.99 -11.49 -23.77
CA LEU B 84 23.13 -10.31 -23.74
C LEU B 84 23.20 -9.62 -22.38
N ILE B 85 23.20 -10.40 -21.29
CA ILE B 85 23.43 -9.83 -19.96
C ILE B 85 24.73 -9.05 -19.92
N LEU B 86 25.80 -9.63 -20.49
CA LEU B 86 27.10 -8.96 -20.45
C LEU B 86 27.10 -7.68 -21.26
N ALA B 87 26.51 -7.70 -22.47
CA ALA B 87 26.48 -6.49 -23.27
C ALA B 87 25.68 -5.40 -22.56
N ALA B 88 24.54 -5.77 -21.98
CA ALA B 88 23.69 -4.80 -21.28
C ALA B 88 24.42 -4.22 -20.08
N ASN B 89 25.18 -5.05 -19.37
CA ASN B 89 26.02 -4.56 -18.30
C ASN B 89 27.09 -3.61 -18.81
N TYR B 90 27.86 -4.06 -19.81
CA TYR B 90 28.91 -3.21 -20.37
C TYR B 90 28.35 -1.89 -20.90
N LEU B 91 27.22 -1.95 -21.61
CA LEU B 91 26.65 -0.73 -22.14
C LEU B 91 25.81 0.02 -21.11
N ASP B 92 25.48 -0.61 -19.99
CA ASP B 92 24.64 -0.01 -18.95
C ASP B 92 23.29 0.42 -19.51
N ILE B 93 22.57 -0.56 -20.06
CA ILE B 93 21.17 -0.38 -20.48
C ILE B 93 20.36 -1.08 -19.40
N LYS B 94 19.96 -0.30 -18.39
CA LYS B 94 19.31 -0.87 -17.22
C LYS B 94 18.07 -1.68 -17.57
N GLY B 95 17.28 -1.19 -18.53
CA GLY B 95 16.08 -1.92 -18.89
C GLY B 95 16.36 -3.32 -19.42
N LEU B 96 17.35 -3.45 -20.32
CA LEU B 96 17.65 -4.78 -20.87
C LEU B 96 18.32 -5.65 -19.79
N LEU B 97 19.22 -5.08 -18.96
CA LEU B 97 19.81 -5.90 -17.88
C LEU B 97 18.72 -6.42 -16.96
N ASP B 98 17.67 -5.62 -16.77
CA ASP B 98 16.58 -5.97 -15.88
C ASP B 98 15.77 -7.09 -16.52
N VAL B 99 15.48 -6.97 -17.81
CA VAL B 99 14.66 -7.96 -18.49
C VAL B 99 15.41 -9.29 -18.61
N THR B 100 16.72 -9.25 -18.83
CA THR B 100 17.49 -10.50 -18.88
C THR B 100 17.63 -11.17 -17.51
N CYS B 101 17.83 -10.39 -16.45
CA CYS B 101 17.96 -10.99 -15.11
C CYS B 101 16.64 -11.55 -14.62
N LYS B 102 15.54 -10.81 -14.82
CA LYS B 102 14.24 -11.36 -14.49
C LYS B 102 13.97 -12.65 -15.26
N THR B 103 14.41 -12.72 -16.51
CA THR B 103 14.22 -13.95 -17.29
C THR B 103 14.97 -15.12 -16.65
N VAL B 104 16.18 -14.89 -16.15
CA VAL B 104 16.95 -15.97 -15.53
C VAL B 104 16.29 -16.38 -14.22
N ALA B 105 15.79 -15.42 -13.45
CA ALA B 105 15.13 -15.73 -12.18
C ALA B 105 13.88 -16.56 -12.41
N ASN B 106 13.17 -16.30 -13.51
CA ASN B 106 11.96 -17.07 -13.82
C ASN B 106 12.31 -18.51 -14.18
N MET B 107 13.52 -18.75 -14.68
CA MET B 107 13.97 -20.10 -14.95
C MET B 107 14.38 -20.85 -13.69
N ILE B 108 14.55 -20.14 -12.57
CA ILE B 108 14.96 -20.76 -11.32
C ILE B 108 13.76 -21.03 -10.41
N LYS B 109 12.81 -20.11 -10.38
CA LYS B 109 11.75 -20.15 -9.37
C LYS B 109 10.84 -21.35 -9.57
N GLY B 110 10.29 -21.83 -8.44
CA GLY B 110 9.35 -22.93 -8.49
C GLY B 110 9.93 -24.25 -8.94
N LYS B 111 11.24 -24.44 -8.83
CA LYS B 111 11.84 -25.71 -9.23
C LYS B 111 12.61 -26.34 -8.08
N THR B 112 12.67 -27.68 -8.09
CA THR B 112 13.58 -28.38 -7.19
C THR B 112 15.03 -28.12 -7.58
N PRO B 113 15.95 -28.29 -6.62
CA PRO B 113 17.38 -28.19 -6.95
C PRO B 113 17.77 -29.06 -8.13
N GLU B 114 17.23 -30.28 -8.24
CA GLU B 114 17.55 -31.14 -9.38
C GLU B 114 17.08 -30.55 -10.71
N GLU B 115 15.87 -29.97 -10.76
CA GLU B 115 15.44 -29.36 -12.01
C GLU B 115 16.26 -28.12 -12.34
N ILE B 116 16.68 -27.37 -11.33
CA ILE B 116 17.58 -26.25 -11.61
C ILE B 116 18.89 -26.77 -12.19
N ARG B 117 19.51 -27.74 -11.52
CA ARG B 117 20.72 -28.36 -12.06
C ARG B 117 20.48 -28.79 -13.51
N LYS B 118 19.36 -29.48 -13.75
CA LYS B 118 19.05 -29.98 -15.08
C LYS B 118 18.80 -28.84 -16.05
N THR B 119 18.15 -27.79 -15.57
CA THR B 119 17.86 -26.63 -16.41
C THR B 119 19.16 -26.02 -16.93
N PHE B 120 20.16 -25.90 -16.06
CA PHE B 120 21.39 -25.18 -16.38
C PHE B 120 22.59 -26.07 -16.60
N ASN B 121 22.43 -27.41 -16.55
CA ASN B 121 23.55 -28.35 -16.72
C ASN B 121 24.61 -28.16 -15.64
N ILE B 122 24.18 -28.27 -14.38
CA ILE B 122 25.01 -28.04 -13.20
C ILE B 122 25.22 -29.35 -12.45
N LYS B 123 26.47 -29.65 -12.10
CA LYS B 123 26.78 -30.84 -11.32
C LYS B 123 26.64 -30.54 -9.83
N ASN B 124 26.06 -31.48 -9.09
CA ASN B 124 25.93 -31.31 -7.65
C ASN B 124 27.29 -31.63 -7.05
N ASP B 125 27.93 -30.64 -6.42
CA ASP B 125 29.25 -30.84 -5.86
C ASP B 125 29.29 -30.79 -4.33
N PHE B 126 28.15 -30.85 -3.67
CA PHE B 126 28.14 -31.01 -2.22
C PHE B 126 28.60 -32.42 -1.85
N THR B 127 29.41 -32.50 -0.80
CA THR B 127 29.52 -33.73 -0.02
C THR B 127 28.16 -34.10 0.56
N GLU B 128 27.97 -35.40 0.82
CA GLU B 128 26.79 -35.86 1.54
C GLU B 128 26.63 -35.10 2.85
N GLU B 129 27.69 -35.03 3.66
CA GLU B 129 27.64 -34.31 4.93
C GLU B 129 27.21 -32.86 4.74
N GLU B 130 27.80 -32.16 3.76
CA GLU B 130 27.48 -30.74 3.59
C GLU B 130 26.03 -30.52 3.17
N GLU B 131 25.49 -31.38 2.31
CA GLU B 131 24.11 -31.22 1.86
C GLU B 131 23.11 -31.40 3.01
N ALA B 132 23.32 -32.43 3.84
CA ALA B 132 22.45 -32.62 5.00
C ALA B 132 22.45 -31.39 5.91
N GLN B 133 23.58 -30.70 6.01
CA GLN B 133 23.65 -29.54 6.91
C GLN B 133 22.89 -28.35 6.35
N VAL B 134 23.10 -28.02 5.08
CA VAL B 134 22.37 -26.93 4.43
C VAL B 134 20.87 -27.23 4.39
N ARG B 135 20.49 -28.49 4.20
CA ARG B 135 19.07 -28.84 4.13
C ARG B 135 18.42 -28.71 5.50
N LYS B 136 19.15 -29.10 6.55
CA LYS B 136 18.65 -28.96 7.92
C LYS B 136 18.36 -27.49 8.22
N GLU B 137 19.13 -26.58 7.64
CA GLU B 137 19.02 -25.15 7.88
C GLU B 137 17.92 -24.53 7.03
N ASN B 138 17.13 -25.35 6.35
CA ASN B 138 15.88 -24.94 5.73
C ASN B 138 14.68 -25.66 6.36
N TYR C 15 -33.86 8.49 17.32
CA TYR C 15 -32.94 9.62 17.21
C TYR C 15 -31.62 9.20 16.56
N LEU C 16 -30.94 10.15 15.94
CA LEU C 16 -29.66 9.92 15.31
C LEU C 16 -28.59 10.78 15.96
N ASP C 17 -27.33 10.39 15.76
CA ASP C 17 -26.20 11.19 16.22
C ASP C 17 -26.01 12.40 15.31
N GLY C 19 -23.53 13.34 13.80
CA GLY C 19 -22.57 13.08 12.74
C GLY C 19 -23.19 12.76 11.39
N ILE C 20 -24.43 12.26 11.37
CA ILE C 20 -25.07 11.84 10.13
C ILE C 20 -26.53 12.28 10.14
N HIS C 21 -27.12 12.32 8.94
CA HIS C 21 -28.51 12.74 8.77
C HIS C 21 -29.09 12.01 7.58
N SER C 22 -30.41 11.95 7.54
CA SER C 22 -31.15 11.25 6.50
C SER C 22 -31.75 12.28 5.53
N GLY C 23 -32.69 11.83 4.70
CA GLY C 23 -33.38 12.69 3.76
C GLY C 23 -34.56 13.46 4.32
N ALA C 24 -34.73 13.47 5.64
CA ALA C 24 -35.84 14.17 6.26
C ALA C 24 -35.61 15.67 6.28
N THR C 25 -36.66 16.41 6.65
CA THR C 25 -36.58 17.87 6.72
C THR C 25 -37.68 18.42 7.64
#